data_9QLU
#
_entry.id   9QLU
#
_entity_poly.entity_id   1
_entity_poly.type   'polypeptide(L)'
_entity_poly.pdbx_seq_one_letter_code
;MALASDKFVLSAIVLAVLTVAAAAAGYGGYGDVGEYCRVGKAVSRNPVPSCRNYIARWCAVAGGRLDSGKQPPRQLLEPC
CRELAAVPMQCRCDALSVLVRGVVTEEGDRVAGMISQHAAPGCDAATIAGMASALTDYGRCNLQHTGFFGCPMFGGGMD
;
_entity_poly.pdbx_strand_id   A,B,C,D,E
#
# COMPACT_ATOMS: atom_id res chain seq x y z
N GLN A 90 -37.14 2.04 -15.95
CA GLN A 90 -36.15 2.97 -15.40
C GLN A 90 -35.23 2.25 -14.41
N CYS A 91 -33.99 2.01 -14.84
CA CYS A 91 -32.99 1.37 -14.00
C CYS A 91 -31.69 2.14 -14.10
N ARG A 92 -30.98 2.24 -12.98
CA ARG A 92 -29.66 2.88 -12.94
C ARG A 92 -28.66 1.95 -12.26
N CYS A 93 -27.50 1.78 -12.88
CA CYS A 93 -26.39 1.02 -12.31
C CYS A 93 -25.16 1.90 -12.24
N ASP A 94 -24.64 2.11 -11.03
CA ASP A 94 -23.36 2.78 -10.82
C ASP A 94 -22.36 1.81 -10.22
N ALA A 95 -21.22 1.65 -10.86
CA ALA A 95 -20.09 0.91 -10.31
C ALA A 95 -18.88 1.82 -10.22
N LEU A 96 -18.32 1.96 -9.03
CA LEU A 96 -17.16 2.83 -8.80
C LEU A 96 -16.06 2.04 -8.11
N SER A 97 -14.89 2.00 -8.72
CA SER A 97 -13.68 1.43 -8.12
C SER A 97 -12.65 2.53 -7.93
N VAL A 98 -12.25 2.76 -6.69
CA VAL A 98 -11.21 3.72 -6.33
C VAL A 98 -10.07 2.97 -5.67
N LEU A 99 -8.87 3.08 -6.22
CA LEU A 99 -7.64 2.62 -5.57
C LEU A 99 -6.69 3.79 -5.37
N VAL A 100 -6.32 4.04 -4.12
CA VAL A 100 -5.27 5.00 -3.75
C VAL A 100 -4.14 4.22 -3.09
N ARG A 101 -2.93 4.34 -3.63
CA ARG A 101 -1.76 3.67 -3.06
C ARG A 101 -0.59 4.64 -2.97
N GLY A 102 0.07 4.64 -1.82
CA GLY A 102 1.29 5.42 -1.63
C GLY A 102 1.09 6.92 -1.60
N VAL A 103 0.57 7.44 -0.49
CA VAL A 103 0.45 8.87 -0.26
C VAL A 103 1.33 9.27 0.91
N VAL A 104 2.16 10.30 0.69
CA VAL A 104 2.87 10.99 1.77
C VAL A 104 2.35 12.42 1.82
N THR A 105 1.79 12.80 2.97
CA THR A 105 1.35 14.16 3.22
C THR A 105 2.11 14.75 4.41
N GLU A 106 2.72 15.90 4.20
CA GLU A 106 3.24 16.73 5.29
C GLU A 106 2.42 17.99 5.40
N GLU A 107 1.96 18.30 6.61
CA GLU A 107 1.33 19.58 6.91
C GLU A 107 1.97 20.19 8.15
N GLY A 108 1.76 21.49 8.30
CA GLY A 108 2.46 22.26 9.31
C GLY A 108 3.83 22.72 8.84
N ASP A 109 4.41 23.61 9.63
CA ASP A 109 5.65 24.28 9.26
C ASP A 109 6.87 23.45 9.66
N ARG A 110 8.00 23.74 9.01
CA ARG A 110 9.27 23.12 9.33
C ARG A 110 10.34 24.19 9.48
N VAL A 111 11.17 24.05 10.51
CA VAL A 111 12.36 24.88 10.69
C VAL A 111 13.52 23.93 10.94
N ALA A 112 14.59 24.05 10.16
CA ALA A 112 15.72 23.18 10.36
C ALA A 112 16.99 23.82 9.81
N GLY A 113 18.13 23.25 10.20
CA GLY A 113 19.37 23.55 9.52
C GLY A 113 19.37 23.10 8.07
N MET A 114 18.94 21.87 7.82
CA MET A 114 18.70 21.37 6.47
C MET A 114 17.41 20.57 6.44
N ILE A 115 16.64 20.76 5.37
CA ILE A 115 15.50 19.91 5.03
C ILE A 115 15.85 19.12 3.78
N SER A 116 15.70 17.80 3.86
CA SER A 116 16.17 16.87 2.81
C SER A 116 15.06 15.84 2.58
N GLN A 117 14.29 16.03 1.52
CA GLN A 117 13.14 15.17 1.23
C GLN A 117 13.45 14.21 0.09
N HIS A 118 13.33 12.91 0.36
CA HIS A 118 13.58 11.85 -0.61
C HIS A 118 12.39 10.90 -0.73
N ALA A 119 11.19 11.38 -0.42
CA ALA A 119 9.99 10.54 -0.42
C ALA A 119 9.75 9.92 -1.80
N ALA A 120 9.50 8.61 -1.80
CA ALA A 120 9.32 7.84 -3.03
C ALA A 120 8.19 6.83 -2.91
N PRO A 121 6.98 7.23 -2.51
CA PRO A 121 5.88 6.27 -2.41
C PRO A 121 5.44 5.74 -3.77
N GLY A 122 4.91 4.52 -3.75
CA GLY A 122 4.27 3.93 -4.91
C GLY A 122 5.17 3.55 -6.04
N CYS A 123 6.47 3.36 -5.77
CA CYS A 123 7.44 2.96 -6.79
C CYS A 123 7.45 1.43 -6.89
N ASP A 124 6.56 0.89 -7.71
CA ASP A 124 6.43 -0.55 -7.84
C ASP A 124 7.67 -1.18 -8.50
N ALA A 125 8.12 -2.29 -7.93
CA ALA A 125 9.31 -3.02 -8.36
C ALA A 125 10.56 -2.15 -8.37
N ALA A 126 10.53 -1.00 -7.72
CA ALA A 126 11.69 -0.14 -7.68
C ALA A 126 12.73 -0.66 -6.69
N THR A 127 13.96 -0.19 -6.86
CA THR A 127 14.99 -0.27 -5.83
C THR A 127 15.25 1.15 -5.32
N ILE A 128 15.08 1.34 -4.02
CA ILE A 128 15.27 2.64 -3.39
C ILE A 128 16.38 2.51 -2.35
N ALA A 129 17.43 3.30 -2.52
CA ALA A 129 18.54 3.33 -1.57
C ALA A 129 18.79 4.77 -1.15
N GLY A 130 18.91 4.99 0.15
CA GLY A 130 19.41 6.26 0.63
C GLY A 130 20.87 6.44 0.27
N MET A 131 21.71 5.50 0.68
CA MET A 131 23.10 5.44 0.26
C MET A 131 23.46 4.00 -0.09
N ALA A 132 24.19 3.83 -1.19
CA ALA A 132 24.70 2.54 -1.58
C ALA A 132 26.11 2.69 -2.13
N SER A 133 26.84 1.59 -2.21
CA SER A 133 28.03 1.60 -3.04
C SER A 133 27.77 1.16 -4.48
N ALA A 134 27.10 0.03 -4.69
CA ALA A 134 26.82 -0.43 -6.04
C ALA A 134 25.39 -0.94 -6.15
N LEU A 135 24.70 -0.54 -7.22
CA LEU A 135 23.42 -1.10 -7.61
C LEU A 135 23.52 -1.66 -9.02
N THR A 136 23.08 -2.90 -9.19
CA THR A 136 23.02 -3.53 -10.50
C THR A 136 21.68 -4.25 -10.65
N ASP A 137 21.05 -4.12 -11.82
CA ASP A 137 19.86 -4.88 -12.14
C ASP A 137 20.00 -5.57 -13.49
N TYR A 138 19.51 -6.80 -13.57
CA TYR A 138 19.54 -7.62 -14.77
C TYR A 138 18.13 -7.99 -15.17
N GLY A 139 17.74 -7.65 -16.41
CA GLY A 139 16.52 -8.14 -17.00
C GLY A 139 15.24 -7.62 -16.38
N ARG A 140 15.29 -6.51 -15.67
CA ARG A 140 14.09 -5.92 -15.08
C ARG A 140 13.11 -5.50 -16.17
N CYS A 141 11.89 -6.04 -16.12
CA CYS A 141 10.86 -5.76 -17.10
C CYS A 141 9.72 -4.98 -16.45
N ASN A 142 9.32 -3.87 -17.09
CA ASN A 142 8.13 -3.12 -16.73
C ASN A 142 7.13 -3.14 -17.88
N LEU A 143 5.94 -3.66 -17.62
CA LEU A 143 5.00 -4.03 -18.68
C LEU A 143 3.60 -3.59 -18.26
N GLN A 144 3.08 -2.53 -18.87
CA GLN A 144 1.93 -1.81 -18.34
C GLN A 144 0.87 -1.59 -19.41
N HIS A 145 -0.39 -1.85 -19.06
CA HIS A 145 -1.54 -1.69 -19.93
C HIS A 145 -2.55 -0.79 -19.24
N THR A 146 -2.88 0.34 -19.87
CA THR A 146 -3.80 1.30 -19.29
C THR A 146 -4.85 1.73 -20.31
N GLY A 147 -6.11 1.61 -19.93
CA GLY A 147 -7.23 2.05 -20.76
C GLY A 147 -8.26 1.00 -21.11
N PHE A 148 -8.59 0.88 -22.39
CA PHE A 148 -9.65 -0.03 -22.85
C PHE A 148 -9.04 -1.08 -23.77
N PHE A 149 -9.17 -2.34 -23.38
CA PHE A 149 -8.64 -3.46 -24.14
C PHE A 149 -9.77 -4.44 -24.43
N GLY A 150 -10.05 -4.65 -25.71
CA GLY A 150 -11.12 -5.55 -26.10
C GLY A 150 -12.51 -5.10 -25.71
N CYS A 151 -12.77 -3.80 -25.76
CA CYS A 151 -14.07 -3.22 -25.40
C CYS A 151 -14.77 -2.63 -26.61
N PRO A 152 -15.22 -3.44 -27.57
CA PRO A 152 -15.93 -2.88 -28.73
C PRO A 152 -17.23 -2.20 -28.32
N MET A 153 -17.60 -1.18 -29.08
CA MET A 153 -18.76 -0.35 -28.84
C MET A 153 -19.75 -0.51 -29.97
N PHE A 154 -20.97 -0.94 -29.64
CA PHE A 154 -21.97 -1.36 -30.64
C PHE A 154 -21.45 -2.44 -31.56
N GLY A 155 -20.57 -3.30 -31.05
CA GLY A 155 -19.94 -4.33 -31.86
C GLY A 155 -20.93 -5.34 -32.41
N GLN B 90 -38.69 0.98 -11.33
CA GLN B 90 -37.67 1.88 -10.82
C GLN B 90 -36.73 1.17 -9.86
N CYS B 91 -35.50 0.91 -10.32
CA CYS B 91 -34.50 0.24 -9.51
C CYS B 91 -33.18 0.99 -9.62
N ARG B 92 -32.43 1.04 -8.53
CA ARG B 92 -31.10 1.65 -8.50
C ARG B 92 -30.13 0.69 -7.84
N CYS B 93 -28.97 0.50 -8.47
CA CYS B 93 -27.89 -0.32 -7.93
C CYS B 93 -26.62 0.51 -7.88
N ASP B 94 -26.08 0.70 -6.67
CA ASP B 94 -24.77 1.31 -6.48
C ASP B 94 -23.80 0.29 -5.90
N ALA B 95 -22.67 0.09 -6.56
CA ALA B 95 -21.56 -0.70 -6.04
C ALA B 95 -20.32 0.17 -5.96
N LEU B 96 -19.75 0.29 -4.77
CA LEU B 96 -18.55 1.10 -4.54
C LEU B 96 -17.47 0.26 -3.87
N SER B 97 -16.32 0.18 -4.52
CA SER B 97 -15.12 -0.44 -3.95
C SER B 97 -14.04 0.63 -3.76
N VAL B 98 -13.61 0.83 -2.52
CA VAL B 98 -12.52 1.75 -2.20
C VAL B 98 -11.39 0.95 -1.55
N LEU B 99 -10.20 1.02 -2.13
CA LEU B 99 -8.98 0.52 -1.50
C LEU B 99 -7.99 1.65 -1.33
N VAL B 100 -7.59 1.90 -0.08
CA VAL B 100 -6.50 2.81 0.26
C VAL B 100 -5.38 2.00 0.90
N ARG B 101 -4.18 2.08 0.33
CA ARG B 101 -3.02 1.37 0.87
C ARG B 101 -1.81 2.29 0.96
N GLY B 102 -1.13 2.27 2.10
CA GLY B 102 0.12 2.99 2.28
C GLY B 102 -0.02 4.50 2.32
N VAL B 103 -0.51 5.02 3.44
CA VAL B 103 -0.59 6.45 3.69
C VAL B 103 0.34 6.81 4.85
N VAL B 104 1.18 7.81 4.63
CA VAL B 104 1.94 8.46 5.70
C VAL B 104 1.48 9.90 5.79
N THR B 105 0.97 10.30 6.95
CA THR B 105 0.58 11.68 7.22
C THR B 105 1.38 12.21 8.40
N GLU B 106 2.03 13.35 8.19
CA GLU B 106 2.59 14.15 9.28
C GLU B 106 1.81 15.44 9.40
N GLU B 107 1.36 15.75 10.63
CA GLU B 107 0.78 17.04 10.94
C GLU B 107 1.47 17.63 12.16
N GLY B 108 1.33 18.95 12.31
CA GLY B 108 2.07 19.68 13.31
C GLY B 108 3.45 20.10 12.83
N ASP B 109 4.09 20.93 13.64
CA ASP B 109 5.35 21.57 13.27
C ASP B 109 6.54 20.68 13.64
N ARG B 110 7.66 20.95 12.98
CA ARG B 110 8.92 20.27 13.25
C ARG B 110 10.03 21.29 13.38
N VAL B 111 10.88 21.10 14.38
CA VAL B 111 12.10 21.89 14.54
C VAL B 111 13.24 20.91 14.77
N ALA B 112 14.30 21.03 13.97
CA ALA B 112 15.41 20.10 14.14
C ALA B 112 16.68 20.71 13.57
N GLY B 113 17.81 20.10 13.92
CA GLY B 113 19.05 20.37 13.21
C GLY B 113 19.01 19.93 11.75
N MET B 114 18.51 18.72 11.51
CA MET B 114 18.21 18.25 10.16
C MET B 114 16.88 17.50 10.15
N ILE B 115 16.10 17.73 9.11
CA ILE B 115 14.92 16.93 8.79
C ILE B 115 15.20 16.14 7.52
N SER B 116 15.02 14.83 7.59
CA SER B 116 15.43 13.90 6.53
C SER B 116 14.30 12.90 6.31
N GLN B 117 13.49 13.14 5.27
CA GLN B 117 12.31 12.32 4.99
C GLN B 117 12.58 11.36 3.83
N HIS B 118 12.43 10.06 4.10
CA HIS B 118 12.63 9.01 3.13
C HIS B 118 11.40 8.10 3.00
N ALA B 119 10.23 8.61 3.35
CA ALA B 119 9.01 7.81 3.36
C ALA B 119 8.71 7.21 1.99
N ALA B 120 8.44 5.91 1.97
CA ALA B 120 8.24 5.14 0.74
C ALA B 120 7.06 4.18 0.86
N PRO B 121 5.87 4.63 1.29
CA PRO B 121 4.74 3.71 1.40
C PRO B 121 4.25 3.19 0.06
N GLY B 122 3.68 2.00 0.08
CA GLY B 122 2.99 1.44 -1.07
C GLY B 122 3.87 1.04 -2.22
N CYS B 123 5.14 0.79 -1.98
CA CYS B 123 6.09 0.38 -3.02
C CYS B 123 6.04 -1.14 -3.15
N ASP B 124 5.12 -1.65 -3.96
CA ASP B 124 4.95 -3.09 -4.10
C ASP B 124 6.14 -3.73 -4.79
N ALA B 125 6.58 -4.88 -4.25
CA ALA B 125 7.75 -5.62 -4.72
C ALA B 125 9.02 -4.79 -4.76
N ALA B 126 9.03 -3.64 -4.09
CA ALA B 126 10.22 -2.82 -4.05
C ALA B 126 11.25 -3.38 -3.07
N THR B 127 12.50 -2.97 -3.28
CA THR B 127 13.54 -3.09 -2.27
C THR B 127 13.86 -1.70 -1.75
N ILE B 128 13.74 -1.51 -0.44
CA ILE B 128 13.99 -0.22 0.19
C ILE B 128 15.09 -0.40 1.21
N ALA B 129 16.18 0.34 1.04
CA ALA B 129 17.30 0.33 1.96
C ALA B 129 17.61 1.75 2.40
N GLY B 130 17.77 1.95 3.70
CA GLY B 130 18.32 3.20 4.19
C GLY B 130 19.77 3.35 3.80
N MET B 131 20.60 2.38 4.19
CA MET B 131 21.98 2.29 3.73
C MET B 131 22.27 0.84 3.38
N ALA B 132 22.97 0.65 2.26
CA ALA B 132 23.42 -0.66 1.84
C ALA B 132 24.83 -0.56 1.28
N SER B 133 25.51 -1.69 1.17
CA SER B 133 26.71 -1.73 0.33
C SER B 133 26.40 -2.13 -1.11
N ALA B 134 25.69 -3.23 -1.32
CA ALA B 134 25.35 -3.65 -2.68
C ALA B 134 23.91 -4.13 -2.76
N LEU B 135 23.21 -3.69 -3.81
CA LEU B 135 21.90 -4.22 -4.18
C LEU B 135 21.95 -4.77 -5.60
N THR B 136 21.47 -6.00 -5.78
CA THR B 136 21.37 -6.61 -7.10
C THR B 136 20.02 -7.28 -7.24
N ASP B 137 19.37 -7.10 -8.39
CA ASP B 137 18.14 -7.82 -8.69
C ASP B 137 18.24 -8.49 -10.05
N TYR B 138 17.68 -9.70 -10.14
CA TYR B 138 17.68 -10.51 -11.35
C TYR B 138 16.24 -10.85 -11.74
N GLY B 139 15.86 -10.49 -12.96
CA GLY B 139 14.59 -10.92 -13.52
C GLY B 139 13.35 -10.38 -12.87
N ARG B 140 13.44 -9.26 -12.16
CA ARG B 140 12.28 -8.64 -11.54
C ARG B 140 11.29 -8.17 -12.61
N CYS B 141 10.05 -8.66 -12.53
CA CYS B 141 9.01 -8.33 -13.49
C CYS B 141 7.91 -7.51 -12.81
N ASN B 142 7.54 -6.39 -13.45
CA ASN B 142 6.38 -5.60 -13.05
C ASN B 142 5.36 -5.59 -14.18
N LEU B 143 4.15 -6.08 -13.90
CA LEU B 143 3.17 -6.40 -14.95
C LEU B 143 1.81 -5.91 -14.49
N GLN B 144 1.31 -4.82 -15.08
CA GLN B 144 0.20 -4.07 -14.52
C GLN B 144 -0.86 -3.80 -15.56
N HIS B 145 -2.13 -4.02 -15.18
CA HIS B 145 -3.29 -3.82 -16.04
C HIS B 145 -4.26 -2.89 -15.32
N THR B 146 -4.53 -1.73 -15.93
CA THR B 146 -5.42 -0.74 -15.33
C THR B 146 -6.47 -0.29 -16.32
N GLY B 147 -7.74 -0.35 -15.90
CA GLY B 147 -8.85 0.13 -16.70
C GLY B 147 -9.92 -0.89 -17.05
N PHE B 148 -10.29 -0.98 -18.33
CA PHE B 148 -11.37 -1.86 -18.77
C PHE B 148 -10.81 -2.91 -19.71
N PHE B 149 -10.97 -4.18 -19.34
CA PHE B 149 -10.50 -5.31 -20.13
C PHE B 149 -11.67 -6.24 -20.43
N GLY B 150 -11.97 -6.43 -21.70
CA GLY B 150 -13.08 -7.29 -22.09
C GLY B 150 -14.45 -6.81 -21.67
N CYS B 151 -14.67 -5.49 -21.69
CA CYS B 151 -15.95 -4.89 -21.32
C CYS B 151 -16.66 -4.28 -22.52
N PRO B 152 -17.15 -5.07 -23.47
CA PRO B 152 -17.88 -4.49 -24.61
C PRO B 152 -19.14 -3.76 -24.16
N MET B 153 -19.47 -2.71 -24.89
CA MET B 153 -20.61 -1.84 -24.60
C MET B 153 -21.62 -1.95 -25.72
N PHE B 154 -22.85 -2.34 -25.37
CA PHE B 154 -23.88 -2.68 -26.35
C PHE B 154 -23.43 -3.78 -27.31
N GLY B 155 -22.54 -4.65 -26.85
CA GLY B 155 -21.96 -5.67 -27.70
C GLY B 155 -22.99 -6.69 -28.19
N GLN C 90 -40.16 0.03 -6.72
CA GLN C 90 -39.08 0.88 -6.23
C GLN C 90 -38.16 0.10 -5.28
N CYS C 91 -36.95 -0.20 -5.75
CA CYS C 91 -35.96 -0.92 -4.97
C CYS C 91 -34.62 -0.21 -5.10
N ARG C 92 -33.85 -0.22 -4.00
CA ARG C 92 -32.51 0.34 -4.00
C ARG C 92 -31.54 -0.66 -3.37
N CYS C 93 -30.40 -0.87 -4.02
CA CYS C 93 -29.33 -1.71 -3.51
C CYS C 93 -28.04 -0.91 -3.47
N ASP C 94 -27.46 -0.76 -2.29
CA ASP C 94 -26.13 -0.19 -2.12
C ASP C 94 -25.19 -1.24 -1.54
N ALA C 95 -24.09 -1.50 -2.25
CA ALA C 95 -23.01 -2.33 -1.74
C ALA C 95 -21.72 -1.52 -1.69
N LEU C 96 -21.11 -1.44 -0.51
CA LEU C 96 -19.89 -0.66 -0.30
C LEU C 96 -18.83 -1.53 0.33
N SER C 97 -17.67 -1.63 -0.32
CA SER C 97 -16.49 -2.29 0.22
C SER C 97 -15.38 -1.27 0.39
N VAL C 98 -14.93 -1.09 1.63
CA VAL C 98 -13.80 -0.21 1.94
C VAL C 98 -12.69 -1.04 2.56
N LEU C 99 -11.51 -1.01 1.95
CA LEU C 99 -10.30 -1.58 2.54
C LEU C 99 -9.26 -0.48 2.72
N VAL C 100 -8.81 -0.28 3.95
CA VAL C 100 -7.69 0.59 4.29
C VAL C 100 -6.59 -0.26 4.90
N ARG C 101 -5.39 -0.22 4.30
CA ARG C 101 -4.26 -0.97 4.82
C ARG C 101 -3.01 -0.09 4.87
N GLY C 102 -2.31 -0.13 6.01
CA GLY C 102 -1.04 0.55 6.16
C GLY C 102 -1.14 2.06 6.23
N VAL C 103 -1.54 2.57 7.39
CA VAL C 103 -1.60 4.01 7.65
C VAL C 103 -0.65 4.35 8.78
N VAL C 104 0.22 5.32 8.56
CA VAL C 104 1.02 5.95 9.62
C VAL C 104 0.59 7.41 9.73
N THR C 105 0.12 7.81 10.90
CA THR C 105 -0.22 9.19 11.18
C THR C 105 0.60 9.70 12.35
N GLU C 106 1.31 10.81 12.14
CA GLU C 106 1.92 11.57 13.21
C GLU C 106 1.19 12.90 13.37
N GLU C 107 0.80 13.21 14.61
CA GLU C 107 0.26 14.52 14.95
C GLU C 107 0.99 15.07 16.17
N GLY C 108 0.89 16.37 16.36
CA GLY C 108 1.67 17.07 17.36
C GLY C 108 3.05 17.45 16.84
N ASP C 109 3.73 18.27 17.64
CA ASP C 109 4.99 18.87 17.24
C ASP C 109 6.16 17.96 17.59
N ARG C 110 7.28 18.20 16.91
CA ARG C 110 8.53 17.48 17.18
C ARG C 110 9.68 18.48 17.30
N VAL C 111 10.55 18.24 18.27
CA VAL C 111 11.80 18.98 18.42
C VAL C 111 12.90 17.95 18.60
N ALA C 112 13.95 18.03 17.79
CA ALA C 112 15.03 17.07 17.91
C ALA C 112 16.31 17.63 17.32
N GLY C 113 17.42 16.96 17.63
CA GLY C 113 18.65 17.19 16.90
C GLY C 113 18.56 16.76 15.45
N MET C 114 18.03 15.58 15.20
CA MET C 114 17.68 15.13 13.86
C MET C 114 16.33 14.43 13.87
N ILE C 115 15.53 14.70 12.84
CA ILE C 115 14.33 13.93 12.55
C ILE C 115 14.55 13.15 11.26
N SER C 116 14.35 11.83 11.32
CA SER C 116 14.71 10.91 10.25
C SER C 116 13.54 9.95 10.04
N GLN C 117 12.72 10.22 9.02
CA GLN C 117 11.51 9.44 8.76
C GLN C 117 11.71 8.50 7.58
N HIS C 118 11.53 7.20 7.83
CA HIS C 118 11.67 6.15 6.83
C HIS C 118 10.42 5.30 6.71
N ALA C 119 9.27 5.84 7.11
CA ALA C 119 8.02 5.08 7.13
C ALA C 119 7.67 4.50 5.76
N ALA C 120 7.37 3.21 5.74
CA ALA C 120 7.09 2.48 4.51
C ALA C 120 5.89 1.55 4.67
N PRO C 121 4.73 2.03 5.13
CA PRO C 121 3.56 1.15 5.25
C PRO C 121 3.03 0.66 3.91
N GLY C 122 2.43 -0.52 3.93
CA GLY C 122 1.70 -1.02 2.78
C GLY C 122 2.54 -1.46 1.61
N CYS C 123 3.82 -1.74 1.82
CA CYS C 123 4.72 -2.19 0.76
C CYS C 123 4.61 -3.70 0.62
N ASP C 124 3.66 -4.17 -0.18
CA ASP C 124 3.43 -5.60 -0.33
C ASP C 124 4.60 -6.28 -1.06
N ALA C 125 5.01 -7.43 -0.52
CA ALA C 125 6.13 -8.22 -1.02
C ALA C 125 7.44 -7.43 -1.09
N ALA C 126 7.51 -6.30 -0.41
CA ALA C 126 8.72 -5.51 -0.40
C ALA C 126 9.76 -6.12 0.56
N THR C 127 11.01 -5.75 0.34
CA THR C 127 12.06 -5.92 1.33
C THR C 127 12.44 -4.54 1.85
N ILE C 128 12.35 -4.35 3.16
CA ILE C 128 12.65 -3.08 3.80
C ILE C 128 13.78 -3.32 4.80
N ALA C 129 14.88 -2.61 4.61
CA ALA C 129 16.02 -2.68 5.51
C ALA C 129 16.39 -1.27 5.95
N GLY C 130 16.57 -1.09 7.26
CA GLY C 130 17.17 0.14 7.75
C GLY C 130 18.61 0.24 7.32
N MET C 131 19.40 -0.77 7.67
CA MET C 131 20.77 -0.89 7.19
C MET C 131 21.02 -2.35 6.82
N ALA C 132 21.72 -2.56 5.70
CA ALA C 132 22.13 -3.88 5.28
C ALA C 132 23.52 -3.80 4.69
N SER C 133 24.17 -4.96 4.56
CA SER C 133 25.35 -5.02 3.70
C SER C 133 25.00 -5.40 2.26
N ALA C 134 24.22 -6.46 2.05
CA ALA C 134 23.84 -6.85 0.71
C ALA C 134 22.37 -7.27 0.66
N LEU C 135 21.67 -6.81 -0.37
CA LEU C 135 20.34 -7.31 -0.73
C LEU C 135 20.36 -7.83 -2.16
N THR C 136 19.83 -9.04 -2.36
CA THR C 136 19.70 -9.64 -3.68
C THR C 136 18.32 -10.26 -3.80
N ASP C 137 17.67 -10.06 -4.95
CA ASP C 137 16.41 -10.72 -5.23
C ASP C 137 16.44 -11.37 -6.60
N TYR C 138 15.85 -12.57 -6.69
CA TYR C 138 15.80 -13.37 -7.91
C TYR C 138 14.34 -13.64 -8.28
N GLY C 139 13.95 -13.25 -9.49
CA GLY C 139 12.67 -13.64 -10.04
C GLY C 139 11.44 -13.06 -9.36
N ARG C 140 11.60 -11.95 -8.65
CA ARG C 140 10.47 -11.29 -7.99
C ARG C 140 9.46 -10.79 -9.03
N CYS C 141 8.21 -11.23 -8.92
CA CYS C 141 7.15 -10.88 -9.86
C CYS C 141 6.11 -10.03 -9.16
N ASN C 142 5.75 -8.90 -9.77
CA ASN C 142 4.63 -8.08 -9.35
C ASN C 142 3.59 -8.01 -10.47
N LEU C 143 2.37 -8.47 -10.18
CA LEU C 143 1.37 -8.74 -11.21
C LEU C 143 0.03 -8.21 -10.72
N GLN C 144 -0.44 -7.09 -11.28
CA GLN C 144 -1.50 -6.32 -10.68
C GLN C 144 -2.59 -6.00 -11.70
N HIS C 145 -3.84 -6.20 -11.31
CA HIS C 145 -5.02 -5.93 -12.13
C HIS C 145 -5.93 -4.97 -11.38
N THR C 146 -6.16 -3.79 -11.96
CA THR C 146 -7.02 -2.79 -11.33
C THR C 146 -8.08 -2.29 -12.32
N GLY C 147 -9.34 -2.35 -11.91
CA GLY C 147 -10.44 -1.82 -12.69
C GLY C 147 -11.57 -2.78 -13.01
N PHE C 148 -11.96 -2.86 -14.28
CA PHE C 148 -13.09 -3.69 -14.71
C PHE C 148 -12.58 -4.75 -15.67
N PHE C 149 -12.76 -6.02 -15.29
CA PHE C 149 -12.34 -7.15 -16.10
C PHE C 149 -13.55 -8.04 -16.39
N GLY C 150 -13.88 -8.20 -17.65
CA GLY C 150 -15.02 -9.02 -18.03
C GLY C 150 -16.36 -8.49 -17.57
N CYS C 151 -16.55 -7.17 -17.60
CA CYS C 151 -17.79 -6.52 -17.20
C CYS C 151 -18.51 -5.89 -18.37
N PRO C 152 -19.06 -6.67 -19.32
CA PRO C 152 -19.79 -6.05 -20.43
C PRO C 152 -21.01 -5.29 -19.94
N MET C 153 -21.32 -4.21 -20.67
CA MET C 153 -22.42 -3.30 -20.32
C MET C 153 -23.45 -3.33 -21.43
N PHE C 154 -24.69 -3.66 -21.06
CA PHE C 154 -25.75 -3.96 -22.03
C PHE C 154 -25.34 -5.07 -23.00
N GLY C 155 -24.51 -5.99 -22.54
CA GLY C 155 -23.96 -7.03 -23.38
C GLY C 155 -25.02 -7.99 -23.91
N GLN D 90 -41.56 -0.87 -2.02
CA GLN D 90 -40.42 -0.08 -1.58
C GLN D 90 -39.51 -0.87 -0.65
N CYS D 91 -38.34 -1.25 -1.16
CA CYS D 91 -37.37 -2.04 -0.41
C CYS D 91 -35.99 -1.41 -0.56
N ARG D 92 -35.20 -1.45 0.51
CA ARG D 92 -33.83 -0.96 0.49
C ARG D 92 -32.91 -2.00 1.11
N CYS D 93 -31.79 -2.27 0.44
CA CYS D 93 -30.73 -3.12 0.98
C CYS D 93 -29.42 -2.35 0.98
N ASP D 94 -28.81 -2.21 2.15
CA ASP D 94 -27.45 -1.68 2.28
C ASP D 94 -26.53 -2.78 2.81
N ALA D 95 -25.47 -3.08 2.07
CA ALA D 95 -24.40 -3.94 2.55
C ALA D 95 -23.09 -3.16 2.59
N LEU D 96 -22.46 -3.12 3.76
CA LEU D 96 -21.22 -2.38 3.95
C LEU D 96 -20.16 -3.29 4.56
N SER D 97 -19.04 -3.42 3.88
CA SER D 97 -17.86 -4.13 4.39
C SER D 97 -16.71 -3.13 4.55
N VAL D 98 -16.23 -2.99 5.78
CA VAL D 98 -15.07 -2.14 6.08
C VAL D 98 -13.98 -3.01 6.68
N LEU D 99 -12.81 -3.02 6.04
CA LEU D 99 -11.61 -3.63 6.61
C LEU D 99 -10.52 -2.57 6.77
N VAL D 100 -10.05 -2.40 8.00
CA VAL D 100 -8.90 -1.56 8.33
C VAL D 100 -7.81 -2.45 8.91
N ARG D 101 -6.63 -2.45 8.29
CA ARG D 101 -5.51 -3.24 8.79
C ARG D 101 -4.24 -2.42 8.81
N GLY D 102 -3.51 -2.49 9.94
CA GLY D 102 -2.22 -1.86 10.08
C GLY D 102 -2.26 -0.35 10.16
N VAL D 103 -2.63 0.18 11.33
CA VAL D 103 -2.63 1.61 11.59
C VAL D 103 -1.65 1.91 12.72
N VAL D 104 -0.75 2.85 12.49
CA VAL D 104 0.11 3.42 13.53
C VAL D 104 -0.26 4.88 13.67
N THR D 105 -0.68 5.28 14.88
CA THR D 105 -0.97 6.67 15.19
C THR D 105 -0.08 7.14 16.33
N GLU D 106 0.62 8.25 16.12
CA GLU D 106 1.29 8.98 17.18
C GLU D 106 0.62 10.33 17.37
N GLU D 107 0.25 10.64 18.61
CA GLU D 107 -0.23 11.96 18.98
C GLU D 107 0.53 12.47 20.19
N GLY D 108 0.45 13.78 20.39
CA GLY D 108 1.28 14.44 21.37
C GLY D 108 2.66 14.77 20.84
N ASP D 109 3.40 15.55 21.63
CA ASP D 109 4.66 16.10 21.21
C ASP D 109 5.81 15.13 21.52
N ARG D 110 6.93 15.33 20.83
CA ARG D 110 8.15 14.57 21.05
C ARG D 110 9.33 15.52 21.16
N VAL D 111 10.23 15.25 22.10
CA VAL D 111 11.49 15.95 22.22
C VAL D 111 12.58 14.89 22.39
N ALA D 112 13.61 14.96 21.57
CA ALA D 112 14.68 13.97 21.67
C ALA D 112 15.96 14.49 21.05
N GLY D 113 17.05 13.79 21.34
CA GLY D 113 18.27 13.98 20.58
C GLY D 113 18.12 13.57 19.12
N MET D 114 17.53 12.41 18.88
CA MET D 114 17.14 11.99 17.54
C MET D 114 15.77 11.34 17.58
N ILE D 115 14.95 11.64 16.57
CA ILE D 115 13.72 10.92 16.28
C ILE D 115 13.90 10.15 14.99
N SER D 116 13.64 8.84 15.04
CA SER D 116 13.95 7.91 13.95
C SER D 116 12.75 7.00 13.75
N GLN D 117 11.92 7.29 12.75
CA GLN D 117 10.67 6.56 12.52
C GLN D 117 10.82 5.62 11.33
N HIS D 118 10.59 4.32 11.58
CA HIS D 118 10.68 3.28 10.56
C HIS D 118 9.38 2.48 10.46
N ALA D 119 8.26 3.06 10.89
CA ALA D 119 6.99 2.35 10.92
C ALA D 119 6.60 1.80 9.55
N ALA D 120 6.24 0.52 9.52
CA ALA D 120 5.94 -0.20 8.29
C ALA D 120 4.70 -1.09 8.45
N PRO D 121 3.56 -0.57 8.91
CA PRO D 121 2.38 -1.42 9.05
C PRO D 121 1.81 -1.87 7.70
N GLY D 122 1.17 -3.03 7.72
CA GLY D 122 0.41 -3.51 6.58
C GLY D 122 1.23 -3.96 5.39
N CYS D 123 2.50 -4.29 5.60
CA CYS D 123 3.37 -4.75 4.52
C CYS D 123 3.22 -6.26 4.37
N ASP D 124 2.22 -6.68 3.59
CA ASP D 124 1.94 -8.10 3.44
C ASP D 124 3.05 -8.82 2.69
N ALA D 125 3.44 -9.99 3.19
CA ALA D 125 4.52 -10.81 2.66
C ALA D 125 5.85 -10.07 2.59
N ALA D 126 5.98 -8.94 3.28
CA ALA D 126 7.23 -8.21 3.28
C ALA D 126 8.26 -8.87 4.19
N THR D 127 9.51 -8.52 3.96
CA THR D 127 10.58 -8.75 4.94
C THR D 127 11.02 -7.40 5.47
N ILE D 128 10.94 -7.21 6.78
CA ILE D 128 11.29 -5.96 7.43
C ILE D 128 12.43 -6.23 8.40
N ALA D 129 13.55 -5.56 8.18
CA ALA D 129 14.72 -5.68 9.04
C ALA D 129 15.14 -4.29 9.51
N GLY D 130 15.34 -4.13 10.81
CA GLY D 130 15.97 -2.94 11.33
C GLY D 130 17.41 -2.85 10.87
N MET D 131 18.19 -3.88 11.19
CA MET D 131 19.54 -4.03 10.67
C MET D 131 19.76 -5.48 10.31
N ALA D 132 20.42 -5.72 9.18
CA ALA D 132 20.79 -7.07 8.77
C ALA D 132 22.16 -7.02 8.11
N SER D 133 22.77 -8.19 7.94
CA SER D 133 23.92 -8.29 7.06
C SER D 133 23.54 -8.63 5.62
N ALA D 134 22.75 -9.68 5.40
CA ALA D 134 22.34 -10.04 4.05
C ALA D 134 20.88 -10.44 4.01
N LEU D 135 20.16 -9.97 3.00
CA LEU D 135 18.81 -10.44 2.67
C LEU D 135 18.75 -10.92 1.23
N THR D 136 18.18 -12.09 1.02
CA THR D 136 18.01 -12.67 -0.30
C THR D 136 16.61 -13.25 -0.40
N ASP D 137 15.93 -13.00 -1.52
CA ASP D 137 14.64 -13.61 -1.78
C ASP D 137 14.62 -14.25 -3.16
N TYR D 138 13.99 -15.42 -3.25
CA TYR D 138 13.88 -16.21 -4.47
C TYR D 138 12.41 -16.42 -4.80
N GLY D 139 12.01 -16.03 -6.01
CA GLY D 139 10.70 -16.37 -6.53
C GLY D 139 9.52 -15.75 -5.83
N ARG D 140 9.73 -14.65 -5.11
CA ARG D 140 8.64 -13.96 -4.44
C ARG D 140 7.63 -13.42 -5.45
N CYS D 141 6.38 -13.83 -5.32
CA CYS D 141 5.30 -13.42 -6.23
C CYS D 141 4.29 -12.55 -5.50
N ASN D 142 3.97 -11.40 -6.08
CA ASN D 142 2.88 -10.55 -5.63
C ASN D 142 1.83 -10.43 -6.72
N LEU D 143 0.60 -10.83 -6.41
CA LEU D 143 -0.43 -11.06 -7.43
C LEU D 143 -1.74 -10.49 -6.90
N GLN D 144 -2.20 -9.37 -7.46
CA GLN D 144 -3.22 -8.55 -6.83
C GLN D 144 -4.31 -8.19 -7.82
N HIS D 145 -5.57 -8.32 -7.40
CA HIS D 145 -6.75 -8.03 -8.22
C HIS D 145 -7.62 -7.05 -7.44
N THR D 146 -7.82 -5.85 -8.00
CA THR D 146 -8.63 -4.83 -7.36
C THR D 146 -9.69 -4.29 -8.32
N GLY D 147 -10.94 -4.31 -7.87
CA GLY D 147 -12.05 -3.74 -8.62
C GLY D 147 -13.19 -4.68 -8.95
N PHE D 148 -13.62 -4.70 -10.20
CA PHE D 148 -14.78 -5.49 -10.63
C PHE D 148 -14.32 -6.56 -11.60
N PHE D 149 -14.54 -7.82 -11.24
CA PHE D 149 -14.17 -8.96 -12.06
C PHE D 149 -15.41 -9.81 -12.33
N GLY D 150 -15.77 -9.94 -13.59
CA GLY D 150 -16.95 -10.71 -13.96
C GLY D 150 -18.26 -10.13 -13.47
N CYS D 151 -18.40 -8.82 -13.50
CA CYS D 151 -19.61 -8.14 -13.04
C CYS D 151 -20.35 -7.47 -14.19
N PRO D 152 -20.95 -8.22 -15.12
CA PRO D 152 -21.67 -7.57 -16.22
C PRO D 152 -22.87 -6.78 -15.72
N MET D 153 -23.15 -5.69 -16.42
CA MET D 153 -24.20 -4.74 -16.06
C MET D 153 -25.26 -4.74 -17.14
N PHE D 154 -26.51 -5.02 -16.76
CA PHE D 154 -27.60 -5.29 -17.70
C PHE D 154 -27.24 -6.39 -18.70
N GLY D 155 -26.42 -7.34 -18.25
CA GLY D 155 -25.93 -8.39 -19.12
C GLY D 155 -27.03 -9.27 -19.70
N GLN E 90 -42.97 -1.88 2.68
CA GLN E 90 -41.77 -1.14 3.05
C GLN E 90 -40.86 -1.97 3.94
N CYS E 91 -39.70 -2.33 3.42
CA CYS E 91 -38.72 -3.14 4.14
C CYS E 91 -37.34 -2.52 3.98
N ARG E 92 -36.54 -2.61 5.04
CA ARG E 92 -35.15 -2.17 5.01
C ARG E 92 -34.25 -3.25 5.58
N CYS E 93 -33.14 -3.55 4.89
CA CYS E 93 -32.13 -4.47 5.38
C CYS E 93 -30.78 -3.77 5.36
N ASP E 94 -30.16 -3.64 6.53
CA ASP E 94 -28.79 -3.16 6.65
C ASP E 94 -27.91 -4.30 7.15
N ALA E 95 -26.85 -4.61 6.40
CA ALA E 95 -25.81 -5.52 6.84
C ALA E 95 -24.47 -4.78 6.86
N LEU E 96 -23.79 -4.81 8.01
CA LEU E 96 -22.53 -4.12 8.19
C LEU E 96 -21.50 -5.09 8.76
N SER E 97 -20.37 -5.22 8.07
CA SER E 97 -19.21 -5.97 8.55
C SER E 97 -18.02 -5.03 8.70
N VAL E 98 -17.50 -4.93 9.91
CA VAL E 98 -16.31 -4.12 10.20
C VAL E 98 -15.24 -5.03 10.78
N LEU E 99 -14.07 -5.06 10.13
CA LEU E 99 -12.89 -5.71 10.67
C LEU E 99 -11.77 -4.68 10.83
N VAL E 100 -11.27 -4.55 12.06
CA VAL E 100 -10.08 -3.76 12.38
C VAL E 100 -9.01 -4.70 12.92
N ARG E 101 -7.84 -4.71 12.28
CA ARG E 101 -6.74 -5.56 12.73
C ARG E 101 -5.44 -4.77 12.75
N GLY E 102 -4.71 -4.89 13.85
CA GLY E 102 -3.39 -4.30 13.99
C GLY E 102 -3.39 -2.79 14.08
N VAL E 103 -3.67 -2.26 15.26
CA VAL E 103 -3.61 -0.83 15.54
C VAL E 103 -2.60 -0.59 16.64
N VAL E 104 -1.68 0.35 16.41
CA VAL E 104 -0.80 0.88 17.44
C VAL E 104 -1.12 2.36 17.59
N THR E 105 -1.53 2.76 18.80
CA THR E 105 -1.78 4.15 19.12
C THR E 105 -0.87 4.59 20.27
N GLU E 106 -0.12 5.65 20.05
CA GLU E 106 0.58 6.36 21.11
C GLU E 106 -0.06 7.71 21.33
N GLU E 107 -0.39 8.02 22.57
CA GLU E 107 -0.81 9.35 22.97
C GLU E 107 -0.01 9.82 24.17
N GLY E 108 -0.02 11.13 24.39
CA GLY E 108 0.84 11.76 25.36
C GLY E 108 2.23 12.05 24.81
N ASP E 109 3.00 12.79 25.61
CA ASP E 109 4.28 13.30 25.17
C ASP E 109 5.41 12.29 25.45
N ARG E 110 6.51 12.47 24.73
CA ARG E 110 7.72 11.66 24.92
C ARG E 110 8.93 12.57 25.00
N VAL E 111 9.84 12.26 25.91
CA VAL E 111 11.14 12.91 26.00
C VAL E 111 12.18 11.81 26.15
N ALA E 112 13.22 11.85 25.32
CA ALA E 112 14.25 10.82 25.41
C ALA E 112 15.54 11.31 24.77
N GLY E 113 16.62 10.59 25.04
CA GLY E 113 17.82 10.75 24.25
C GLY E 113 17.64 10.37 22.79
N MET E 114 16.99 9.22 22.55
CA MET E 114 16.56 8.83 21.22
C MET E 114 15.16 8.23 21.27
N ILE E 115 14.35 8.57 20.27
CA ILE E 115 13.08 7.90 20.00
C ILE E 115 13.21 7.13 18.69
N SER E 116 12.91 5.84 18.74
CA SER E 116 13.16 4.91 17.63
C SER E 116 11.93 4.04 17.45
N GLN E 117 11.10 4.37 16.46
CA GLN E 117 9.83 3.68 16.24
C GLN E 117 9.92 2.75 15.04
N HIS E 118 9.62 1.47 15.28
CA HIS E 118 9.66 0.43 14.25
C HIS E 118 8.34 -0.33 14.16
N ALA E 119 7.24 0.29 14.60
CA ALA E 119 5.94 -0.37 14.66
C ALA E 119 5.50 -0.90 13.29
N ALA E 120 5.12 -2.17 13.26
CA ALA E 120 4.75 -2.86 12.02
C ALA E 120 3.50 -3.72 12.21
N PRO E 121 2.40 -3.17 12.70
CA PRO E 121 1.18 -3.98 12.86
C PRO E 121 0.57 -4.40 11.53
N GLY E 122 -0.10 -5.55 11.56
CA GLY E 122 -0.90 -6.00 10.42
C GLY E 122 -0.12 -6.45 9.22
N CYS E 123 1.15 -6.81 9.38
CA CYS E 123 1.98 -7.30 8.28
C CYS E 123 1.77 -8.80 8.11
N ASP E 124 0.73 -9.17 7.35
CA ASP E 124 0.41 -10.59 7.18
C ASP E 124 1.48 -11.32 6.39
N ALA E 125 1.85 -12.51 6.89
CA ALA E 125 2.89 -13.37 6.32
C ALA E 125 4.25 -12.67 6.23
N ALA E 126 4.42 -11.56 6.94
CA ALA E 126 5.69 -10.86 6.92
C ALA E 126 6.72 -11.57 7.80
N THR E 127 7.98 -11.27 7.54
CA THR E 127 9.06 -11.54 8.48
C THR E 127 9.55 -10.21 9.02
N ILE E 128 9.49 -10.03 10.34
CA ILE E 128 9.91 -8.79 10.98
C ILE E 128 11.05 -9.12 11.93
N ALA E 129 12.19 -8.49 11.73
CA ALA E 129 13.35 -8.66 12.59
C ALA E 129 13.83 -7.29 13.04
N GLY E 130 14.06 -7.15 14.35
CA GLY E 130 14.75 -5.96 14.82
C GLY E 130 16.20 -5.93 14.38
N MET E 131 16.94 -7.00 14.67
CA MET E 131 18.27 -7.19 14.12
C MET E 131 18.42 -8.65 13.71
N ALA E 132 19.06 -8.88 12.57
CA ALA E 132 19.34 -10.21 12.08
C ALA E 132 20.73 -10.23 11.47
N SER E 133 21.28 -11.44 11.30
CA SER E 133 22.41 -11.57 10.40
C SER E 133 22.00 -11.88 8.96
N ALA E 134 21.15 -12.88 8.76
CA ALA E 134 20.70 -13.23 7.41
C ALA E 134 19.21 -13.54 7.40
N LEU E 135 18.52 -13.02 6.38
CA LEU E 135 17.14 -13.39 6.07
C LEU E 135 17.06 -13.90 4.65
N THR E 136 16.44 -15.07 4.46
CA THR E 136 16.23 -15.63 3.14
C THR E 136 14.80 -16.17 3.05
N ASP E 137 14.11 -15.88 1.95
CA ASP E 137 12.79 -16.45 1.70
C ASP E 137 12.73 -17.07 0.31
N TYR E 138 12.09 -18.23 0.23
CA TYR E 138 11.93 -18.99 -1.01
C TYR E 138 10.45 -19.16 -1.31
N GLY E 139 10.04 -18.74 -2.51
CA GLY E 139 8.71 -19.04 -3.01
C GLY E 139 7.56 -18.39 -2.28
N ARG E 140 7.82 -17.30 -1.56
CA ARG E 140 6.75 -16.58 -0.86
C ARG E 140 5.75 -16.00 -1.86
N CYS E 141 4.49 -16.38 -1.71
CA CYS E 141 3.42 -15.93 -2.60
C CYS E 141 2.46 -15.03 -1.84
N ASN E 142 2.16 -13.87 -2.41
CA ASN E 142 1.11 -12.98 -1.92
C ASN E 142 0.04 -12.81 -2.98
N LEU E 143 -1.20 -13.15 -2.65
CA LEU E 143 -2.25 -13.35 -3.64
C LEU E 143 -3.54 -12.75 -3.09
N GLN E 144 -3.96 -11.59 -3.62
CA GLN E 144 -4.95 -10.75 -2.97
C GLN E 144 -6.04 -10.33 -3.94
N HIS E 145 -7.30 -10.45 -3.51
CA HIS E 145 -8.48 -10.10 -4.29
C HIS E 145 -9.30 -9.11 -3.50
N THR E 146 -9.50 -7.91 -4.05
CA THR E 146 -10.24 -6.86 -3.37
C THR E 146 -11.30 -6.26 -4.28
N GLY E 147 -12.55 -6.23 -3.80
CA GLY E 147 -13.65 -5.61 -4.52
C GLY E 147 -14.82 -6.52 -4.84
N PHE E 148 -15.27 -6.53 -6.09
CA PHE E 148 -16.46 -7.28 -6.50
C PHE E 148 -16.06 -8.34 -7.50
N PHE E 149 -16.33 -9.60 -7.15
CA PHE E 149 -16.02 -10.75 -8.00
C PHE E 149 -17.28 -11.54 -8.25
N GLY E 150 -17.67 -11.66 -9.52
CA GLY E 150 -18.88 -12.39 -9.86
C GLY E 150 -20.16 -11.77 -9.35
N CYS E 151 -20.25 -10.44 -9.38
CA CYS E 151 -21.43 -9.72 -8.90
C CYS E 151 -22.15 -9.03 -10.05
N PRO E 152 -22.81 -9.75 -10.95
CA PRO E 152 -23.56 -9.09 -12.02
C PRO E 152 -24.70 -8.24 -11.47
N MET E 153 -24.94 -7.12 -12.15
CA MET E 153 -25.94 -6.14 -11.74
C MET E 153 -27.03 -6.06 -12.81
N PHE E 154 -28.27 -6.34 -12.42
CA PHE E 154 -29.38 -6.54 -13.35
C PHE E 154 -29.06 -7.63 -14.37
N GLY E 155 -28.31 -8.64 -13.94
CA GLY E 155 -27.87 -9.71 -14.83
C GLY E 155 -29.00 -10.52 -15.41
#